data_9PG0
#
_entry.id   9PG0
#
_cell.length_a   69.923
_cell.length_b   69.923
_cell.length_c   315.876
_cell.angle_alpha   90.00
_cell.angle_beta   90.00
_cell.angle_gamma   120.00
#
_symmetry.space_group_name_H-M   'P 65 2 2'
#
loop_
_entity.id
_entity.type
_entity.pdbx_description
1 polymer 'nucleoside-diphosphate kinase'
2 non-polymer 'ADENOSINE MONOPHOSPHATE'
3 water water
#
_entity_poly.entity_id   1
_entity_poly.type   'polypeptide(L)'
_entity_poly.pdbx_seq_one_letter_code
;MAHHHHHHVEQTYLMIKPDGIQRQVVGEIISRFEKRGYRIAAMKLTIATPAILEEHYAEHKGKPFLPGLIEKMTGPVLCM
VFEGVDVIAQARKMMGSTRPGEAAPGTIRADFCQQAGRNLIHGSDSAESAKREISLWFKPEEIQSYKLALSDYIFE
;
_entity_poly.pdbx_strand_id   A,B,C
#
loop_
_chem_comp.id
_chem_comp.type
_chem_comp.name
_chem_comp.formula
AMP non-polymer 'ADENOSINE MONOPHOSPHATE' 'C10 H14 N5 O7 P'
#
# COMPACT_ATOMS: atom_id res chain seq x y z
N HIS A 8 8.60 -25.76 7.25
CA HIS A 8 7.42 -24.93 7.10
C HIS A 8 7.77 -23.69 6.28
N VAL A 9 9.01 -23.27 6.30
CA VAL A 9 9.42 -22.12 5.53
C VAL A 9 10.04 -22.63 4.23
N GLU A 10 10.10 -21.76 3.25
CA GLU A 10 10.87 -22.01 2.04
C GLU A 10 11.70 -20.77 1.72
N GLN A 11 12.51 -20.86 0.66
CA GLN A 11 13.37 -19.78 0.22
C GLN A 11 13.09 -19.46 -1.24
N THR A 12 13.05 -18.18 -1.56
CA THR A 12 12.88 -17.73 -2.93
C THR A 12 14.04 -16.86 -3.37
N TYR A 13 14.31 -16.85 -4.67
CA TYR A 13 15.30 -15.96 -5.27
C TYR A 13 14.63 -14.66 -5.73
N LEU A 14 15.13 -13.54 -5.22
CA LEU A 14 14.65 -12.22 -5.61
C LEU A 14 15.85 -11.42 -6.08
N MET A 15 15.69 -10.69 -7.17
CA MET A 15 16.80 -9.95 -7.77
C MET A 15 16.33 -8.55 -8.13
N ILE A 16 16.98 -7.55 -7.54
CA ILE A 16 16.72 -6.16 -7.91
C ILE A 16 17.44 -5.90 -9.23
N LYS A 17 16.68 -5.48 -10.23
CA LYS A 17 17.19 -5.27 -11.59
C LYS A 17 17.91 -3.93 -11.66
N PRO A 18 18.59 -3.66 -12.78
CA PRO A 18 19.39 -2.42 -12.85
C PRO A 18 18.57 -1.16 -12.61
N ASP A 19 17.30 -1.14 -13.00
CA ASP A 19 16.46 0.03 -12.71
C ASP A 19 16.28 0.26 -11.22
N GLY A 20 16.14 -0.81 -10.43
CA GLY A 20 16.06 -0.63 -8.99
C GLY A 20 17.35 -0.08 -8.40
N ILE A 21 18.50 -0.53 -8.91
CA ILE A 21 19.78 0.00 -8.44
C ILE A 21 19.89 1.47 -8.81
N GLN A 22 19.63 1.80 -10.08
CA GLN A 22 19.87 3.14 -10.59
C GLN A 22 18.88 4.16 -10.06
N ARG A 23 17.65 3.74 -9.78
CA ARG A 23 16.66 4.62 -9.17
C ARG A 23 16.87 4.73 -7.67
N GLN A 24 17.80 3.94 -7.13
CA GLN A 24 18.23 4.03 -5.73
C GLN A 24 17.08 3.77 -4.77
N VAL A 25 16.37 2.66 -5.01
CA VAL A 25 15.27 2.20 -4.19
C VAL A 25 15.56 0.83 -3.57
N VAL A 26 16.84 0.44 -3.52
CA VAL A 26 17.23 -0.87 -2.98
C VAL A 26 16.73 -1.03 -1.54
N GLY A 27 17.00 -0.03 -0.69
CA GLY A 27 16.60 -0.15 0.69
C GLY A 27 15.09 -0.25 0.85
N GLU A 28 14.34 0.53 0.07
CA GLU A 28 12.89 0.44 0.16
C GLU A 28 12.39 -0.94 -0.21
N ILE A 29 12.99 -1.56 -1.23
CA ILE A 29 12.59 -2.90 -1.63
C ILE A 29 12.86 -3.88 -0.50
N ILE A 30 14.08 -3.86 0.03
CA ILE A 30 14.44 -4.77 1.11
C ILE A 30 13.49 -4.59 2.29
N SER A 31 13.18 -3.35 2.64
CA SER A 31 12.31 -3.08 3.78
C SER A 31 10.95 -3.73 3.60
N ARG A 32 10.41 -3.78 2.37
CA ARG A 32 9.10 -4.41 2.18
C ARG A 32 9.09 -5.88 2.57
N PHE A 33 10.19 -6.60 2.28
CA PHE A 33 10.28 -8.01 2.63
C PHE A 33 10.60 -8.21 4.11
N GLU A 34 11.52 -7.40 4.65
CA GLU A 34 11.78 -7.45 6.09
C GLU A 34 10.52 -7.18 6.92
N LYS A 35 9.62 -6.34 6.40
CA LYS A 35 8.45 -5.92 7.15
C LYS A 35 7.54 -7.09 7.52
N ARG A 36 7.55 -8.17 6.72
CA ARG A 36 6.76 -9.36 6.98
C ARG A 36 7.50 -10.37 7.83
N GLY A 37 8.69 -10.03 8.31
CA GLY A 37 9.47 -11.01 9.04
C GLY A 37 10.13 -12.04 8.15
N TYR A 38 10.27 -11.76 6.86
CA TYR A 38 11.07 -12.61 6.01
C TYR A 38 12.54 -12.40 6.33
N ARG A 39 13.30 -13.49 6.31
CA ARG A 39 14.69 -13.52 6.73
C ARG A 39 15.60 -13.43 5.51
N ILE A 40 16.57 -12.52 5.55
CA ILE A 40 17.61 -12.45 4.53
C ILE A 40 18.54 -13.64 4.73
N ALA A 41 18.50 -14.60 3.81
CA ALA A 41 19.40 -15.74 3.83
C ALA A 41 20.63 -15.53 2.95
N ALA A 42 20.57 -14.65 1.97
CA ALA A 42 21.71 -14.39 1.10
C ALA A 42 21.51 -13.05 0.43
N MET A 43 22.62 -12.37 0.13
CA MET A 43 22.54 -11.07 -0.53
C MET A 43 23.90 -10.78 -1.13
N LYS A 44 23.91 -10.31 -2.39
CA LYS A 44 25.15 -10.04 -3.12
C LYS A 44 24.87 -9.04 -4.22
N LEU A 45 25.67 -7.97 -4.28
CA LEU A 45 25.69 -7.09 -5.43
C LEU A 45 26.66 -7.63 -6.46
N THR A 46 26.20 -7.74 -7.71
CA THR A 46 27.07 -8.12 -8.80
C THR A 46 26.67 -7.31 -10.03
N ILE A 47 27.38 -7.49 -11.13
CA ILE A 47 26.98 -6.97 -12.43
C ILE A 47 26.63 -8.17 -13.29
N ALA A 48 25.37 -8.22 -13.73
CA ALA A 48 24.89 -9.34 -14.53
C ALA A 48 25.49 -9.24 -15.92
N THR A 49 25.95 -10.37 -16.44
CA THR A 49 26.55 -10.43 -17.75
C THR A 49 25.71 -11.32 -18.66
N PRO A 50 25.89 -11.20 -19.98
CA PRO A 50 25.07 -12.04 -20.87
C PRO A 50 25.16 -13.53 -20.61
N ALA A 51 26.34 -14.06 -20.27
CA ALA A 51 26.44 -15.51 -20.09
C ALA A 51 25.63 -16.00 -18.90
N ILE A 52 25.66 -15.29 -17.77
CA ILE A 52 24.85 -15.74 -16.64
C ILE A 52 23.38 -15.50 -16.91
N LEU A 53 23.04 -14.40 -17.60
CA LEU A 53 21.64 -14.12 -17.90
C LEU A 53 21.05 -15.13 -18.87
N GLU A 54 21.86 -15.67 -19.79
CA GLU A 54 21.36 -16.71 -20.68
CA GLU A 54 21.36 -16.71 -20.68
C GLU A 54 20.92 -17.95 -19.89
N GLU A 55 21.66 -18.29 -18.83
CA GLU A 55 21.27 -19.41 -17.99
C GLU A 55 20.06 -19.05 -17.14
N HIS A 56 20.05 -17.82 -16.59
CA HIS A 56 18.90 -17.38 -15.80
C HIS A 56 17.62 -17.47 -16.60
N TYR A 57 17.67 -17.07 -17.88
CA TYR A 57 16.53 -17.07 -18.78
C TYR A 57 16.54 -18.26 -19.74
N ALA A 58 17.04 -19.40 -19.28
CA ALA A 58 17.20 -20.56 -20.15
C ALA A 58 15.88 -21.00 -20.79
N GLU A 59 14.76 -20.84 -20.08
CA GLU A 59 13.49 -21.30 -20.64
C GLU A 59 13.12 -20.56 -21.90
N HIS A 60 13.74 -19.40 -22.15
CA HIS A 60 13.40 -18.55 -23.29
C HIS A 60 14.38 -18.66 -24.43
N LYS A 61 15.31 -19.60 -24.38
CA LYS A 61 16.23 -19.78 -25.48
C LYS A 61 15.46 -19.83 -26.80
N GLY A 62 15.93 -19.04 -27.77
CA GLY A 62 15.36 -19.05 -29.10
C GLY A 62 14.19 -18.12 -29.31
N LYS A 63 13.69 -17.47 -28.27
CA LYS A 63 12.55 -16.59 -28.41
C LYS A 63 13.00 -15.21 -28.86
N PRO A 64 12.16 -14.52 -29.66
CA PRO A 64 12.62 -13.27 -30.29
C PRO A 64 12.88 -12.14 -29.31
N PHE A 65 12.28 -12.17 -28.12
CA PHE A 65 12.49 -11.09 -27.16
C PHE A 65 13.74 -11.28 -26.32
N LEU A 66 14.38 -12.45 -26.37
CA LEU A 66 15.47 -12.73 -25.43
C LEU A 66 16.64 -11.77 -25.57
N PRO A 67 17.13 -11.45 -26.77
CA PRO A 67 18.29 -10.54 -26.84
C PRO A 67 18.05 -9.18 -26.19
N GLY A 68 16.89 -8.57 -26.45
CA GLY A 68 16.59 -7.30 -25.79
C GLY A 68 16.45 -7.45 -24.29
N LEU A 69 15.90 -8.57 -23.84
CA LEU A 69 15.77 -8.83 -22.42
C LEU A 69 17.15 -8.88 -21.76
N ILE A 70 18.07 -9.63 -22.37
CA ILE A 70 19.40 -9.72 -21.80
CA ILE A 70 19.42 -9.72 -21.83
C ILE A 70 20.07 -8.35 -21.79
N GLU A 71 19.82 -7.53 -22.81
CA GLU A 71 20.40 -6.19 -22.85
C GLU A 71 19.93 -5.35 -21.67
N LYS A 72 18.62 -5.30 -21.42
CA LYS A 72 18.13 -4.47 -20.33
C LYS A 72 18.65 -4.94 -18.99
N MET A 73 18.92 -6.24 -18.86
CA MET A 73 19.33 -6.81 -17.59
C MET A 73 20.84 -6.77 -17.38
N THR A 74 21.60 -6.37 -18.41
CA THR A 74 23.05 -6.27 -18.29
C THR A 74 23.36 -4.99 -17.53
N GLY A 75 23.79 -5.14 -16.29
CA GLY A 75 23.99 -4.01 -15.41
C GLY A 75 24.07 -4.50 -13.98
N PRO A 76 24.23 -3.56 -13.03
CA PRO A 76 24.24 -3.95 -11.62
C PRO A 76 22.91 -4.55 -11.21
N VAL A 77 22.98 -5.59 -10.37
CA VAL A 77 21.82 -6.25 -9.79
C VAL A 77 22.13 -6.58 -8.34
N LEU A 78 21.09 -6.67 -7.52
CA LEU A 78 21.22 -7.19 -6.16
C LEU A 78 20.54 -8.55 -6.11
N CYS A 79 21.35 -9.60 -5.98
CA CYS A 79 20.89 -10.96 -5.76
C CYS A 79 20.48 -11.15 -4.32
N MET A 80 19.32 -11.77 -4.08
CA MET A 80 18.80 -11.93 -2.74
C MET A 80 18.12 -13.28 -2.59
N VAL A 81 18.21 -13.85 -1.40
CA VAL A 81 17.37 -14.98 -0.99
C VAL A 81 16.64 -14.59 0.27
N PHE A 82 15.31 -14.68 0.25
CA PHE A 82 14.49 -14.46 1.42
C PHE A 82 13.79 -15.75 1.80
N GLU A 83 13.63 -15.95 3.11
CA GLU A 83 13.01 -17.13 3.68
C GLU A 83 11.73 -16.76 4.44
N GLY A 84 10.69 -17.54 4.24
CA GLY A 84 9.46 -17.35 5.00
C GLY A 84 8.43 -18.39 4.61
N VAL A 85 7.30 -18.37 5.33
CA VAL A 85 6.20 -19.27 4.99
C VAL A 85 5.66 -18.89 3.62
N ASP A 86 5.58 -19.86 2.71
CA ASP A 86 4.96 -19.62 1.40
C ASP A 86 5.62 -18.45 0.67
N VAL A 87 6.92 -18.23 0.89
CA VAL A 87 7.52 -16.97 0.44
C VAL A 87 7.65 -16.91 -1.08
N ILE A 88 7.69 -18.06 -1.77
CA ILE A 88 7.78 -17.99 -3.23
C ILE A 88 6.53 -17.34 -3.81
N ALA A 89 5.36 -17.89 -3.48
CA ALA A 89 4.11 -17.30 -3.95
C ALA A 89 3.86 -15.92 -3.35
N GLN A 90 4.20 -15.72 -2.08
CA GLN A 90 3.93 -14.45 -1.45
C GLN A 90 4.77 -13.33 -2.05
N ALA A 91 6.06 -13.59 -2.34
CA ALA A 91 6.88 -12.57 -2.98
C ALA A 91 6.34 -12.20 -4.35
N ARG A 92 5.84 -13.18 -5.11
CA ARG A 92 5.23 -12.85 -6.39
C ARG A 92 4.02 -11.94 -6.20
N LYS A 93 3.22 -12.20 -5.17
CA LYS A 93 2.08 -11.34 -4.91
C LYS A 93 2.51 -9.93 -4.55
N MET A 94 3.62 -9.80 -3.81
CA MET A 94 4.11 -8.50 -3.39
C MET A 94 4.72 -7.73 -4.55
N MET A 95 5.37 -8.43 -5.49
CA MET A 95 5.90 -7.76 -6.66
C MET A 95 4.78 -7.20 -7.53
N GLY A 96 3.69 -7.96 -7.65
CA GLY A 96 2.59 -7.61 -8.52
C GLY A 96 2.78 -8.10 -9.93
N SER A 97 1.75 -7.86 -10.74
CA SER A 97 1.73 -8.31 -12.13
C SER A 97 2.96 -7.83 -12.88
N THR A 98 3.36 -8.65 -13.85
CA THR A 98 4.48 -8.30 -14.73
C THR A 98 4.37 -6.89 -15.29
N ARG A 99 3.20 -6.53 -15.79
CA ARG A 99 2.94 -5.19 -16.26
C ARG A 99 2.54 -4.30 -15.08
N PRO A 100 3.34 -3.29 -14.75
CA PRO A 100 2.96 -2.39 -13.63
C PRO A 100 1.58 -1.82 -13.75
N GLY A 101 1.12 -1.53 -14.96
CA GLY A 101 -0.19 -0.96 -15.15
C GLY A 101 -1.33 -1.88 -14.82
N GLU A 102 -1.07 -3.20 -14.76
CA GLU A 102 -2.05 -4.18 -14.32
C GLU A 102 -1.88 -4.59 -12.86
N ALA A 103 -0.79 -4.19 -12.22
CA ALA A 103 -0.49 -4.63 -10.86
C ALA A 103 -1.36 -3.89 -9.86
N ALA A 104 -1.62 -4.56 -8.73
CA ALA A 104 -2.50 -4.00 -7.71
C ALA A 104 -1.81 -2.89 -6.94
N PRO A 105 -2.50 -1.80 -6.62
CA PRO A 105 -1.88 -0.82 -5.72
C PRO A 105 -1.39 -1.51 -4.46
N GLY A 106 -0.25 -1.07 -3.96
CA GLY A 106 0.38 -1.69 -2.82
C GLY A 106 1.45 -2.69 -3.18
N THR A 107 1.53 -3.10 -4.44
CA THR A 107 2.60 -3.97 -4.88
C THR A 107 3.78 -3.12 -5.34
N ILE A 108 4.95 -3.76 -5.41
CA ILE A 108 6.16 -3.04 -5.80
C ILE A 108 6.00 -2.45 -7.20
N ARG A 109 5.56 -3.27 -8.16
CA ARG A 109 5.53 -2.80 -9.53
C ARG A 109 4.51 -1.70 -9.74
N ALA A 110 3.35 -1.79 -9.09
CA ALA A 110 2.36 -0.72 -9.21
C ALA A 110 2.85 0.56 -8.55
N ASP A 111 3.57 0.44 -7.44
CA ASP A 111 3.93 1.62 -6.67
C ASP A 111 5.11 2.36 -7.27
N PHE A 112 5.98 1.65 -8.00
CA PHE A 112 7.24 2.22 -8.49
C PHE A 112 7.36 2.35 -10.01
N CYS A 113 6.57 1.63 -10.81
CA CYS A 113 6.93 1.41 -12.20
C CYS A 113 5.79 1.71 -13.17
N GLN A 114 6.14 1.73 -14.47
CA GLN A 114 5.22 2.02 -15.56
C GLN A 114 5.10 0.91 -16.58
N GLN A 115 6.20 0.23 -16.91
CA GLN A 115 6.22 -0.72 -18.01
C GLN A 115 6.92 -2.02 -17.63
N ALA A 116 6.49 -3.09 -18.31
CA ALA A 116 7.00 -4.42 -18.00
C ALA A 116 8.51 -4.53 -18.18
N GLY A 117 9.06 -3.84 -19.18
CA GLY A 117 10.49 -3.92 -19.42
C GLY A 117 11.35 -3.19 -18.42
N ARG A 118 10.73 -2.39 -17.53
CA ARG A 118 11.43 -1.74 -16.42
C ARG A 118 10.56 -1.90 -15.18
N ASN A 119 10.52 -3.14 -14.66
CA ASN A 119 9.62 -3.46 -13.56
C ASN A 119 10.36 -3.88 -12.29
N LEU A 120 11.59 -3.39 -12.14
CA LEU A 120 12.31 -3.25 -10.88
C LEU A 120 12.93 -4.49 -10.27
N ILE A 121 12.26 -5.64 -10.38
CA ILE A 121 12.58 -6.78 -9.55
C ILE A 121 12.15 -8.05 -10.27
N HIS A 122 12.92 -9.11 -10.04
CA HIS A 122 12.61 -10.47 -10.44
C HIS A 122 12.36 -11.31 -9.19
N GLY A 123 11.40 -12.24 -9.26
CA GLY A 123 11.23 -13.23 -8.22
C GLY A 123 10.91 -14.59 -8.82
N SER A 124 11.38 -15.64 -8.15
CA SER A 124 11.13 -16.99 -8.66
C SER A 124 9.64 -17.26 -8.81
N ASP A 125 9.28 -18.03 -9.84
CA ASP A 125 7.88 -18.30 -10.13
C ASP A 125 7.39 -19.64 -9.59
N SER A 126 8.27 -20.45 -9.00
CA SER A 126 7.88 -21.79 -8.55
C SER A 126 8.99 -22.33 -7.67
N ALA A 127 8.67 -23.43 -6.96
CA ALA A 127 9.67 -24.10 -6.14
C ALA A 127 10.86 -24.53 -6.98
N GLU A 128 10.60 -25.07 -8.17
CA GLU A 128 11.68 -25.57 -9.00
C GLU A 128 12.57 -24.44 -9.51
N SER A 129 11.96 -23.33 -9.93
CA SER A 129 12.78 -22.21 -10.39
CA SER A 129 12.75 -22.19 -10.38
C SER A 129 13.51 -21.54 -9.23
N ALA A 130 12.95 -21.55 -8.03
CA ALA A 130 13.68 -20.98 -6.89
C ALA A 130 14.95 -21.78 -6.63
N LYS A 131 14.84 -23.11 -6.62
CA LYS A 131 16.00 -23.94 -6.37
C LYS A 131 17.05 -23.71 -7.45
N ARG A 132 16.62 -23.66 -8.71
CA ARG A 132 17.57 -23.47 -9.80
C ARG A 132 18.24 -22.11 -9.76
N GLU A 133 17.44 -21.05 -9.55
CA GLU A 133 17.98 -19.70 -9.55
C GLU A 133 18.91 -19.45 -8.36
N ILE A 134 18.54 -19.95 -7.18
CA ILE A 134 19.42 -19.79 -6.03
C ILE A 134 20.77 -20.44 -6.33
N SER A 135 20.76 -21.62 -6.93
CA SER A 135 22.02 -22.30 -7.22
C SER A 135 22.82 -21.62 -8.31
N LEU A 136 22.15 -20.96 -9.27
CA LEU A 136 22.85 -20.25 -10.33
C LEU A 136 23.60 -19.04 -9.79
N TRP A 137 22.96 -18.25 -8.94
CA TRP A 137 23.51 -16.97 -8.52
C TRP A 137 24.31 -17.05 -7.23
N PHE A 138 24.13 -18.11 -6.44
CA PHE A 138 24.82 -18.25 -5.17
C PHE A 138 25.46 -19.62 -5.02
N LYS A 139 26.66 -19.64 -4.48
CA LYS A 139 27.26 -20.89 -4.04
C LYS A 139 26.68 -21.28 -2.69
N PRO A 140 26.67 -22.56 -2.34
CA PRO A 140 26.08 -22.95 -1.05
C PRO A 140 26.70 -22.23 0.13
N GLU A 141 28.00 -21.96 0.11
CA GLU A 141 28.62 -21.26 1.24
C GLU A 141 28.15 -19.81 1.39
N GLU A 142 27.44 -19.25 0.42
CA GLU A 142 26.93 -17.90 0.51
CA GLU A 142 26.94 -17.89 0.55
C GLU A 142 25.56 -17.82 1.17
N ILE A 143 24.93 -18.98 1.40
CA ILE A 143 23.59 -19.04 2.00
C ILE A 143 23.77 -19.17 3.50
N GLN A 144 23.24 -18.21 4.25
CA GLN A 144 23.48 -18.08 5.68
C GLN A 144 22.27 -18.55 6.47
N SER A 145 22.50 -19.42 7.44
CA SER A 145 21.46 -19.95 8.31
CA SER A 145 21.46 -19.95 8.31
C SER A 145 21.59 -19.34 9.70
N TYR A 146 20.52 -18.68 10.15
CA TYR A 146 20.40 -18.12 11.48
C TYR A 146 18.91 -18.00 11.74
N LYS A 147 18.55 -17.79 13.00
CA LYS A 147 17.16 -17.69 13.43
C LYS A 147 16.84 -16.26 13.82
N LEU A 148 15.70 -15.75 13.33
CA LEU A 148 15.23 -14.44 13.75
C LEU A 148 14.80 -14.46 15.20
N ALA A 149 15.29 -13.49 15.97
CA ALA A 149 14.97 -13.40 17.39
C ALA A 149 13.48 -13.23 17.65
N LEU A 150 12.73 -12.64 16.71
CA LEU A 150 11.28 -12.47 16.88
C LEU A 150 10.47 -13.64 16.32
N SER A 151 11.10 -14.79 16.06
CA SER A 151 10.41 -15.93 15.48
CA SER A 151 10.41 -15.93 15.48
C SER A 151 9.13 -16.30 16.22
N ASP A 152 9.13 -16.22 17.56
CA ASP A 152 7.95 -16.65 18.31
C ASP A 152 6.74 -15.76 18.03
N TYR A 153 6.98 -14.55 17.54
CA TYR A 153 5.92 -13.61 17.23
C TYR A 153 5.64 -13.47 15.74
N ILE A 154 6.37 -14.21 14.90
CA ILE A 154 6.14 -14.22 13.46
C ILE A 154 5.46 -15.51 13.02
N PHE A 155 5.86 -16.63 13.59
CA PHE A 155 5.37 -17.94 13.20
C PHE A 155 4.42 -18.48 14.25
N GLU A 156 3.33 -19.07 13.80
CA GLU A 156 2.33 -19.59 14.72
C GLU A 156 2.88 -20.90 15.29
N HIS B 8 -23.01 10.43 10.18
CA HIS B 8 -23.22 9.28 11.07
C HIS B 8 -21.94 8.48 11.25
N VAL B 9 -21.33 8.55 12.43
CA VAL B 9 -20.14 7.78 12.69
C VAL B 9 -20.47 6.60 13.59
N GLU B 10 -19.57 5.62 13.61
CA GLU B 10 -19.64 4.51 14.54
C GLU B 10 -18.29 4.32 15.19
N GLN B 11 -18.24 3.39 16.16
CA GLN B 11 -17.02 3.04 16.88
C GLN B 11 -16.75 1.56 16.81
N THR B 12 -15.49 1.21 16.60
CA THR B 12 -15.07 -0.18 16.56
C THR B 12 -13.99 -0.44 17.59
N TYR B 13 -13.91 -1.70 18.04
CA TYR B 13 -12.85 -2.13 18.96
C TYR B 13 -11.71 -2.73 18.13
N LEU B 14 -10.51 -2.17 18.29
CA LEU B 14 -9.30 -2.65 17.65
C LEU B 14 -8.28 -2.96 18.74
N MET B 15 -7.59 -4.08 18.63
CA MET B 15 -6.67 -4.50 19.66
C MET B 15 -5.38 -4.95 19.02
N ILE B 16 -4.27 -4.32 19.38
CA ILE B 16 -2.96 -4.77 18.90
C ILE B 16 -2.56 -5.95 19.76
N LYS B 17 -2.30 -7.07 19.13
CA LYS B 17 -2.00 -8.32 19.80
C LYS B 17 -0.54 -8.32 20.26
N PRO B 18 -0.14 -9.33 21.04
CA PRO B 18 1.23 -9.29 21.59
C PRO B 18 2.31 -9.23 20.54
N ASP B 19 2.08 -9.81 19.36
CA ASP B 19 3.08 -9.71 18.30
C ASP B 19 3.25 -8.27 17.82
N GLY B 20 2.18 -7.49 17.77
CA GLY B 20 2.32 -6.09 17.40
C GLY B 20 3.13 -5.31 18.42
N ILE B 21 2.92 -5.60 19.70
CA ILE B 21 3.68 -4.94 20.75
C ILE B 21 5.15 -5.34 20.65
N GLN B 22 5.42 -6.65 20.58
CA GLN B 22 6.80 -7.15 20.62
C GLN B 22 7.60 -6.82 19.38
N ARG B 23 6.95 -6.76 18.21
CA ARG B 23 7.62 -6.32 16.99
C ARG B 23 7.75 -4.81 16.91
N GLN B 24 7.17 -4.10 17.87
CA GLN B 24 7.32 -2.66 18.02
C GLN B 24 6.84 -1.89 16.80
N VAL B 25 5.63 -2.22 16.37
CA VAL B 25 4.94 -1.59 15.26
C VAL B 25 3.65 -0.89 15.71
N VAL B 26 3.51 -0.63 17.02
CA VAL B 26 2.31 0.02 17.53
C VAL B 26 2.06 1.36 16.84
N GLY B 27 3.09 2.20 16.77
CA GLY B 27 2.88 3.51 16.16
C GLY B 27 2.47 3.42 14.70
N GLU B 28 3.10 2.50 13.96
CA GLU B 28 2.75 2.35 12.55
C GLU B 28 1.30 1.95 12.39
N ILE B 29 0.82 1.05 13.25
CA ILE B 29 -0.59 0.63 13.19
C ILE B 29 -1.51 1.81 13.45
N ILE B 30 -1.25 2.55 14.55
CA ILE B 30 -2.09 3.69 14.88
C ILE B 30 -2.09 4.69 13.74
N SER B 31 -0.93 4.95 13.13
CA SER B 31 -0.86 5.92 12.05
C SER B 31 -1.74 5.54 10.86
N ARG B 32 -1.92 4.25 10.60
CA ARG B 32 -2.75 3.87 9.47
C ARG B 32 -4.20 4.30 9.67
N PHE B 33 -4.69 4.21 10.91
CA PHE B 33 -6.06 4.60 11.20
C PHE B 33 -6.20 6.11 11.30
N GLU B 34 -5.24 6.79 11.94
CA GLU B 34 -5.26 8.24 11.98
C GLU B 34 -5.24 8.85 10.58
N LYS B 35 -4.59 8.16 9.64
CA LYS B 35 -4.40 8.72 8.30
C LYS B 35 -5.73 8.96 7.60
N ARG B 36 -6.77 8.18 7.93
CA ARG B 36 -8.08 8.35 7.32
C ARG B 36 -8.94 9.33 8.09
N GLY B 37 -8.40 10.00 9.10
CA GLY B 37 -9.21 10.86 9.92
C GLY B 37 -10.05 10.13 10.92
N TYR B 38 -9.73 8.87 11.23
CA TYR B 38 -10.43 8.18 12.30
C TYR B 38 -9.95 8.75 13.63
N ARG B 39 -10.87 8.84 14.59
CA ARG B 39 -10.63 9.49 15.87
C ARG B 39 -10.37 8.45 16.95
N ILE B 40 -9.29 8.63 17.69
CA ILE B 40 -9.00 7.78 18.84
C ILE B 40 -9.97 8.15 19.95
N ALA B 41 -10.90 7.25 20.26
CA ALA B 41 -11.86 7.47 21.33
C ALA B 41 -11.45 6.80 22.63
N ALA B 42 -10.59 5.79 22.58
CA ALA B 42 -10.12 5.14 23.79
C ALA B 42 -8.83 4.41 23.45
N MET B 43 -7.96 4.28 24.45
CA MET B 43 -6.69 3.59 24.25
C MET B 43 -6.14 3.21 25.61
N LYS B 44 -5.69 1.97 25.76
CA LYS B 44 -5.18 1.46 27.02
C LYS B 44 -4.24 0.29 26.74
N LEU B 45 -3.04 0.32 27.33
CA LEU B 45 -2.18 -0.85 27.36
C LEU B 45 -2.51 -1.69 28.58
N THR B 46 -2.63 -3.00 28.38
CA THR B 46 -2.87 -3.93 29.48
C THR B 46 -2.17 -5.24 29.15
N ILE B 47 -2.15 -6.14 30.11
CA ILE B 47 -1.75 -7.52 29.84
C ILE B 47 -3.03 -8.35 29.88
N ALA B 48 -3.40 -8.94 28.75
CA ALA B 48 -4.65 -9.68 28.69
C ALA B 48 -4.57 -10.92 29.56
N THR B 49 -5.68 -11.23 30.23
CA THR B 49 -5.77 -12.38 31.11
C THR B 49 -6.64 -13.46 30.49
N PRO B 50 -6.46 -14.72 30.88
CA PRO B 50 -7.41 -15.75 30.42
C PRO B 50 -8.86 -15.42 30.74
N ALA B 51 -9.11 -14.79 31.90
CA ALA B 51 -10.49 -14.47 32.29
C ALA B 51 -11.15 -13.55 31.26
N ILE B 52 -10.46 -12.50 30.85
CA ILE B 52 -11.07 -11.60 29.87
C ILE B 52 -11.06 -12.21 28.48
N LEU B 53 -10.03 -12.98 28.13
CA LEU B 53 -9.96 -13.56 26.79
C LEU B 53 -11.03 -14.63 26.59
N GLU B 54 -11.40 -15.35 27.64
CA GLU B 54 -12.49 -16.33 27.54
C GLU B 54 -13.79 -15.65 27.16
N GLU B 55 -14.00 -14.44 27.68
CA GLU B 55 -15.21 -13.71 27.34
C GLU B 55 -15.10 -13.06 25.97
N HIS B 56 -13.92 -12.53 25.64
CA HIS B 56 -13.68 -11.96 24.32
C HIS B 56 -13.97 -12.98 23.23
N TYR B 57 -13.52 -14.22 23.46
CA TYR B 57 -13.69 -15.33 22.53
C TYR B 57 -14.85 -16.24 22.91
N ALA B 58 -15.88 -15.71 23.55
CA ALA B 58 -16.96 -16.55 24.05
C ALA B 58 -17.61 -17.39 22.96
N GLU B 59 -17.65 -16.88 21.73
CA GLU B 59 -18.30 -17.62 20.64
C GLU B 59 -17.63 -18.97 20.41
N HIS B 60 -16.39 -19.14 20.85
CA HIS B 60 -15.62 -20.35 20.60
C HIS B 60 -15.52 -21.25 21.83
N LYS B 61 -16.28 -20.99 22.88
CA LYS B 61 -16.24 -21.87 24.03
C LYS B 61 -16.41 -23.32 23.57
N GLY B 62 -15.56 -24.19 24.11
CA GLY B 62 -15.65 -25.61 23.81
C GLY B 62 -14.93 -26.04 22.55
N LYS B 63 -14.36 -25.11 21.76
CA LYS B 63 -13.74 -25.57 20.53
C LYS B 63 -12.28 -25.95 20.75
N PRO B 64 -11.76 -26.89 19.96
CA PRO B 64 -10.41 -27.42 20.25
C PRO B 64 -9.29 -26.40 20.15
N PHE B 65 -9.43 -25.36 19.32
CA PHE B 65 -8.36 -24.39 19.17
C PHE B 65 -8.37 -23.31 20.24
N LEU B 66 -9.43 -23.22 21.04
CA LEU B 66 -9.54 -22.07 21.96
C LEU B 66 -8.40 -22.01 22.96
N PRO B 67 -8.00 -23.11 23.60
CA PRO B 67 -6.91 -22.99 24.59
C PRO B 67 -5.64 -22.40 24.02
N GLY B 68 -5.20 -22.87 22.85
CA GLY B 68 -3.99 -22.33 22.27
C GLY B 68 -4.14 -20.89 21.84
N LEU B 69 -5.34 -20.52 21.39
CA LEU B 69 -5.60 -19.14 21.03
C LEU B 69 -5.50 -18.21 22.24
N ILE B 70 -6.08 -18.62 23.37
CA ILE B 70 -5.95 -17.83 24.60
C ILE B 70 -4.50 -17.74 25.02
N GLU B 71 -3.74 -18.84 24.91
CA GLU B 71 -2.33 -18.80 25.28
C GLU B 71 -1.57 -17.76 24.48
N LYS B 72 -1.74 -17.78 23.15
CA LYS B 72 -1.02 -16.82 22.30
C LYS B 72 -1.36 -15.38 22.67
N MET B 73 -2.60 -15.14 23.13
CA MET B 73 -3.08 -13.80 23.43
C MET B 73 -2.82 -13.35 24.85
N THR B 74 -2.26 -14.22 25.69
CA THR B 74 -1.99 -13.88 27.08
C THR B 74 -0.65 -13.15 27.13
N GLY B 75 -0.71 -11.84 27.03
CA GLY B 75 0.46 -11.01 26.90
C GLY B 75 0.04 -9.56 26.77
N PRO B 76 1.00 -8.66 26.57
CA PRO B 76 0.65 -7.25 26.42
C PRO B 76 -0.17 -7.03 25.16
N VAL B 77 -1.21 -6.20 25.29
CA VAL B 77 -2.06 -5.81 24.17
C VAL B 77 -2.35 -4.33 24.30
N LEU B 78 -2.62 -3.67 23.18
CA LEU B 78 -3.11 -2.30 23.18
C LEU B 78 -4.59 -2.33 22.77
N CYS B 79 -5.44 -1.98 23.72
CA CYS B 79 -6.87 -1.85 23.48
C CYS B 79 -7.14 -0.48 22.90
N MET B 80 -7.97 -0.43 21.86
CA MET B 80 -8.24 0.83 21.18
C MET B 80 -9.70 0.88 20.73
N VAL B 81 -10.25 2.10 20.73
CA VAL B 81 -11.50 2.40 20.06
C VAL B 81 -11.26 3.51 19.05
N PHE B 82 -11.63 3.27 17.79
CA PHE B 82 -11.57 4.28 16.73
C PHE B 82 -12.98 4.58 16.24
N GLU B 83 -13.22 5.85 15.91
CA GLU B 83 -14.49 6.34 15.44
C GLU B 83 -14.37 6.88 14.03
N GLY B 84 -15.36 6.56 13.20
CA GLY B 84 -15.43 7.11 11.86
C GLY B 84 -16.63 6.55 11.11
N VAL B 85 -16.81 7.06 9.89
CA VAL B 85 -17.90 6.58 9.04
C VAL B 85 -17.61 5.13 8.67
N ASP B 86 -18.56 4.23 8.94
CA ASP B 86 -18.45 2.84 8.50
C ASP B 86 -17.18 2.21 9.06
N VAL B 87 -16.71 2.67 10.22
CA VAL B 87 -15.36 2.29 10.65
C VAL B 87 -15.26 0.79 11.00
N ILE B 88 -16.36 0.16 11.40
CA ILE B 88 -16.29 -1.26 11.74
C ILE B 88 -15.88 -2.07 10.51
N ALA B 89 -16.65 -1.94 9.43
CA ALA B 89 -16.30 -2.65 8.20
C ALA B 89 -15.01 -2.15 7.59
N GLN B 90 -14.75 -0.84 7.64
CA GLN B 90 -13.56 -0.30 6.99
C GLN B 90 -12.31 -0.75 7.71
N ALA B 91 -12.33 -0.79 9.04
CA ALA B 91 -11.17 -1.30 9.78
C ALA B 91 -10.88 -2.75 9.42
N ARG B 92 -11.93 -3.57 9.24
CA ARG B 92 -11.68 -4.95 8.82
CA ARG B 92 -11.70 -4.95 8.80
C ARG B 92 -11.05 -4.99 7.42
N LYS B 93 -11.49 -4.14 6.51
CA LYS B 93 -10.89 -4.09 5.19
C LYS B 93 -9.42 -3.69 5.27
N MET B 94 -9.10 -2.76 6.18
CA MET B 94 -7.73 -2.31 6.33
C MET B 94 -6.85 -3.37 6.97
N MET B 95 -7.40 -4.18 7.87
CA MET B 95 -6.62 -5.26 8.46
C MET B 95 -6.32 -6.33 7.43
N GLY B 96 -7.28 -6.61 6.54
CA GLY B 96 -7.16 -7.69 5.57
C GLY B 96 -7.61 -9.01 6.13
N SER B 97 -7.62 -10.00 5.26
CA SER B 97 -8.06 -11.35 5.59
C SER B 97 -7.32 -11.90 6.80
N THR B 98 -8.01 -12.79 7.53
CA THR B 98 -7.45 -13.46 8.70
C THR B 98 -6.09 -14.08 8.39
N ARG B 99 -6.00 -14.79 7.26
CA ARG B 99 -4.75 -15.40 6.83
C ARG B 99 -3.95 -14.37 6.05
N PRO B 100 -2.78 -13.94 6.53
CA PRO B 100 -2.04 -12.90 5.82
C PRO B 100 -1.75 -13.26 4.38
N GLY B 101 -1.54 -14.53 4.08
CA GLY B 101 -1.27 -14.94 2.72
C GLY B 101 -2.41 -14.71 1.76
N GLU B 102 -3.63 -14.59 2.27
CA GLU B 102 -4.82 -14.33 1.47
C GLU B 102 -5.24 -12.86 1.47
N ALA B 103 -4.62 -12.05 2.30
CA ALA B 103 -4.98 -10.65 2.44
C ALA B 103 -4.43 -9.84 1.27
N ALA B 104 -5.12 -8.75 0.97
CA ALA B 104 -4.76 -7.93 -0.19
C ALA B 104 -3.52 -7.09 0.10
N PRO B 105 -2.64 -6.90 -0.88
CA PRO B 105 -1.53 -5.96 -0.66
C PRO B 105 -2.08 -4.63 -0.21
N GLY B 106 -1.36 -3.97 0.70
CA GLY B 106 -1.80 -2.73 1.25
C GLY B 106 -2.55 -2.85 2.55
N THR B 107 -2.95 -4.06 2.94
CA THR B 107 -3.59 -4.27 4.23
C THR B 107 -2.54 -4.54 5.29
N ILE B 108 -2.93 -4.36 6.55
CA ILE B 108 -1.98 -4.57 7.65
C ILE B 108 -1.43 -5.99 7.63
N ARG B 109 -2.33 -6.97 7.54
CA ARG B 109 -1.87 -8.35 7.65
C ARG B 109 -0.99 -8.76 6.47
N ALA B 110 -1.32 -8.30 5.26
CA ALA B 110 -0.47 -8.62 4.10
C ALA B 110 0.88 -7.92 4.20
N ASP B 111 0.91 -6.72 4.78
CA ASP B 111 2.13 -5.94 4.76
C ASP B 111 3.08 -6.33 5.87
N PHE B 112 2.56 -6.90 6.99
CA PHE B 112 3.36 -7.17 8.17
C PHE B 112 3.50 -8.65 8.53
N CYS B 113 2.66 -9.56 8.03
CA CYS B 113 2.52 -10.86 8.67
C CYS B 113 2.60 -12.03 7.70
N GLN B 114 2.70 -13.22 8.27
CA GLN B 114 2.82 -14.46 7.51
C GLN B 114 1.71 -15.47 7.80
N GLN B 115 1.29 -15.60 9.06
CA GLN B 115 0.35 -16.65 9.45
C GLN B 115 -0.76 -16.10 10.32
N ALA B 116 -1.92 -16.78 10.27
CA ALA B 116 -3.12 -16.31 10.96
C ALA B 116 -2.91 -16.26 12.48
N GLY B 117 -2.13 -17.18 13.02
CA GLY B 117 -1.91 -17.18 14.46
C GLY B 117 -1.03 -16.07 14.98
N ARG B 118 -0.39 -15.32 14.07
CA ARG B 118 0.39 -14.15 14.42
C ARG B 118 0.05 -13.07 13.39
N ASN B 119 -1.17 -12.53 13.48
CA ASN B 119 -1.67 -11.58 12.49
C ASN B 119 -1.93 -10.19 13.07
N LEU B 120 -1.22 -9.86 14.15
CA LEU B 120 -0.91 -8.49 14.59
C LEU B 120 -2.03 -7.77 15.32
N ILE B 121 -3.27 -7.94 14.88
CA ILE B 121 -4.35 -7.05 15.29
C ILE B 121 -5.67 -7.78 15.22
N HIS B 122 -6.57 -7.41 16.13
CA HIS B 122 -7.96 -7.81 16.11
C HIS B 122 -8.84 -6.60 15.84
N GLY B 123 -9.94 -6.79 15.11
CA GLY B 123 -10.97 -5.78 15.02
C GLY B 123 -12.35 -6.40 15.03
N SER B 124 -13.31 -5.66 15.58
CA SER B 124 -14.68 -6.14 15.69
C SER B 124 -15.21 -6.53 14.32
N ASP B 125 -16.01 -7.58 14.28
CA ASP B 125 -16.49 -8.10 13.00
C ASP B 125 -17.91 -7.65 12.65
N SER B 126 -18.57 -6.87 13.50
CA SER B 126 -19.96 -6.45 13.26
C SER B 126 -20.33 -5.37 14.26
N ALA B 127 -21.48 -4.71 14.01
CA ALA B 127 -21.97 -3.72 14.96
C ALA B 127 -22.20 -4.33 16.33
N GLU B 128 -22.84 -5.50 16.38
CA GLU B 128 -23.11 -6.13 17.66
C GLU B 128 -21.81 -6.45 18.38
N SER B 129 -20.84 -7.01 17.66
CA SER B 129 -19.60 -7.40 18.32
CA SER B 129 -19.57 -7.41 18.27
C SER B 129 -18.78 -6.19 18.75
N ALA B 130 -18.83 -5.10 18.00
CA ALA B 130 -18.15 -3.88 18.42
C ALA B 130 -18.70 -3.38 19.74
N LYS B 131 -20.02 -3.30 19.89
CA LYS B 131 -20.58 -2.83 21.15
C LYS B 131 -20.19 -3.76 22.30
N ARG B 132 -20.24 -5.07 22.07
CA ARG B 132 -19.89 -6.03 23.11
C ARG B 132 -18.42 -5.92 23.49
N GLU B 133 -17.53 -5.83 22.50
CA GLU B 133 -16.10 -5.79 22.78
C GLU B 133 -15.69 -4.49 23.45
N ILE B 134 -16.22 -3.34 22.98
CA ILE B 134 -15.89 -2.09 23.63
C ILE B 134 -16.27 -2.15 25.11
N SER B 135 -17.45 -2.68 25.40
CA SER B 135 -17.92 -2.73 26.78
C SER B 135 -17.13 -3.71 27.63
N LEU B 136 -16.59 -4.75 27.00
CA LEU B 136 -15.80 -5.74 27.71
C LEU B 136 -14.46 -5.16 28.15
N TRP B 137 -13.80 -4.42 27.26
CA TRP B 137 -12.43 -4.00 27.52
C TRP B 137 -12.31 -2.60 28.09
N PHE B 138 -13.35 -1.78 27.99
CA PHE B 138 -13.35 -0.40 28.46
C PHE B 138 -14.55 -0.12 29.35
N LYS B 139 -14.32 0.56 30.46
CA LYS B 139 -15.42 1.15 31.21
C LYS B 139 -15.91 2.40 30.50
N PRO B 140 -17.17 2.80 30.69
CA PRO B 140 -17.66 3.98 29.95
C PRO B 140 -16.86 5.23 30.21
N GLU B 141 -16.32 5.39 31.42
CA GLU B 141 -15.53 6.57 31.74
C GLU B 141 -14.21 6.63 30.98
N GLU B 142 -13.78 5.52 30.37
CA GLU B 142 -12.56 5.50 29.59
C GLU B 142 -12.76 5.90 28.14
N ILE B 143 -14.01 6.05 27.70
CA ILE B 143 -14.32 6.43 26.32
C ILE B 143 -14.40 7.94 26.28
N GLN B 144 -13.60 8.56 25.43
CA GLN B 144 -13.41 10.01 25.42
C GLN B 144 -14.11 10.62 24.23
N SER B 145 -14.97 11.60 24.47
CA SER B 145 -15.70 12.30 23.42
CA SER B 145 -15.70 12.30 23.42
C SER B 145 -15.10 13.67 23.18
N TYR B 146 -14.65 13.91 21.95
CA TYR B 146 -14.14 15.20 21.50
C TYR B 146 -14.30 15.21 19.99
N LYS B 147 -14.20 16.39 19.40
CA LYS B 147 -14.38 16.58 17.96
C LYS B 147 -13.03 16.86 17.30
N LEU B 148 -12.76 16.20 16.18
CA LEU B 148 -11.55 16.51 15.42
C LEU B 148 -11.65 17.89 14.76
N ALA B 149 -10.59 18.68 14.91
CA ALA B 149 -10.57 20.03 14.36
C ALA B 149 -10.68 20.05 12.85
N LEU B 150 -10.25 18.98 12.18
CA LEU B 150 -10.34 18.92 10.73
C LEU B 150 -11.64 18.26 10.25
N SER B 151 -12.66 18.16 11.11
CA SER B 151 -13.92 17.52 10.74
C SER B 151 -14.51 18.05 9.44
N ASP B 152 -14.45 19.37 9.21
CA ASP B 152 -15.06 19.92 8.02
C ASP B 152 -14.38 19.41 6.76
N TYR B 153 -13.14 18.93 6.86
CA TYR B 153 -12.39 18.45 5.71
C TYR B 153 -12.32 16.94 5.65
N ILE B 154 -12.94 16.25 6.59
CA ILE B 154 -13.02 14.79 6.62
C ILE B 154 -14.41 14.29 6.28
N PHE B 155 -15.44 14.97 6.77
CA PHE B 155 -16.82 14.50 6.62
C PHE B 155 -17.56 15.38 5.64
N GLU B 156 -18.47 14.75 4.90
CA GLU B 156 -19.43 15.44 4.07
C GLU B 156 -20.37 16.33 4.86
N HIS C 8 2.75 7.46 -26.92
CA HIS C 8 3.72 6.90 -26.00
C HIS C 8 3.42 7.35 -24.56
N VAL C 9 3.69 8.61 -24.21
CA VAL C 9 3.26 9.12 -22.93
C VAL C 9 2.02 9.99 -23.14
N GLU C 10 1.25 10.15 -22.08
CA GLU C 10 0.05 10.97 -22.00
C GLU C 10 0.25 11.97 -20.88
N GLN C 11 -0.65 12.95 -20.78
CA GLN C 11 -0.72 13.88 -19.65
C GLN C 11 -2.12 13.90 -19.10
N THR C 12 -2.23 13.96 -17.78
CA THR C 12 -3.51 14.04 -17.11
C THR C 12 -3.54 15.24 -16.16
N TYR C 13 -4.74 15.75 -15.91
CA TYR C 13 -4.96 16.83 -14.97
C TYR C 13 -5.30 16.23 -13.60
N LEU C 14 -4.52 16.57 -12.59
CA LEU C 14 -4.76 16.15 -11.23
C LEU C 14 -4.82 17.40 -10.36
N MET C 15 -5.78 17.44 -9.45
CA MET C 15 -5.98 18.62 -8.61
C MET C 15 -6.17 18.18 -7.17
N ILE C 16 -5.29 18.65 -6.29
CA ILE C 16 -5.48 18.45 -4.86
C ILE C 16 -6.56 19.41 -4.38
N LYS C 17 -7.60 18.87 -3.77
CA LYS C 17 -8.77 19.61 -3.32
C LYS C 17 -8.47 20.30 -2.00
N PRO C 18 -9.35 21.20 -1.54
CA PRO C 18 -9.05 21.94 -0.30
C PRO C 18 -8.78 21.04 0.90
N ASP C 19 -9.42 19.87 0.97
CA ASP C 19 -9.13 18.94 2.06
C ASP C 19 -7.68 18.44 2.01
N GLY C 20 -7.12 18.20 0.83
CA GLY C 20 -5.71 17.82 0.76
C GLY C 20 -4.78 18.93 1.20
N ILE C 21 -5.14 20.18 0.89
CA ILE C 21 -4.34 21.31 1.33
C ILE C 21 -4.43 21.45 2.85
N GLN C 22 -5.66 21.44 3.38
CA GLN C 22 -5.88 21.74 4.79
C GLN C 22 -5.39 20.61 5.69
N ARG C 23 -5.46 19.37 5.23
CA ARG C 23 -4.92 18.25 5.98
C ARG C 23 -3.40 18.15 5.84
N GLN C 24 -2.83 18.97 4.97
CA GLN C 24 -1.37 19.11 4.84
C GLN C 24 -0.72 17.81 4.40
N VAL C 25 -1.30 17.21 3.37
CA VAL C 25 -0.79 15.99 2.75
C VAL C 25 -0.37 16.21 1.30
N VAL C 26 -0.13 17.47 0.91
CA VAL C 26 0.24 17.79 -0.46
C VAL C 26 1.50 17.03 -0.88
N GLY C 27 2.54 17.09 -0.05
CA GLY C 27 3.78 16.44 -0.41
C GLY C 27 3.62 14.94 -0.54
N GLU C 28 2.85 14.32 0.34
CA GLU C 28 2.64 12.88 0.26
C GLU C 28 1.96 12.50 -1.04
N ILE C 29 0.98 13.31 -1.46
CA ILE C 29 0.28 13.03 -2.71
C ILE C 29 1.24 13.11 -3.89
N ILE C 30 2.00 14.21 -3.97
CA ILE C 30 2.96 14.38 -5.04
C ILE C 30 3.95 13.22 -5.07
N SER C 31 4.43 12.81 -3.89
CA SER C 31 5.41 11.72 -3.85
C SER C 31 4.86 10.43 -4.43
N ARG C 32 3.56 10.15 -4.29
CA ARG C 32 3.02 8.92 -4.86
C ARG C 32 3.15 8.89 -6.37
N PHE C 33 2.97 10.04 -7.03
CA PHE C 33 3.09 10.11 -8.48
C PHE C 33 4.57 10.14 -8.90
N GLU C 34 5.40 10.88 -8.17
CA GLU C 34 6.82 10.89 -8.49
C GLU C 34 7.41 9.50 -8.37
N LYS C 35 6.89 8.69 -7.45
CA LYS C 35 7.47 7.39 -7.16
C LYS C 35 7.44 6.48 -8.37
N ARG C 36 6.47 6.67 -9.27
CA ARG C 36 6.36 5.87 -10.50
C ARG C 36 7.14 6.46 -11.65
N GLY C 37 7.88 7.54 -11.43
CA GLY C 37 8.58 8.17 -12.53
C GLY C 37 7.70 9.04 -13.39
N TYR C 38 6.53 9.43 -12.89
CA TYR C 38 5.72 10.40 -13.62
C TYR C 38 6.36 11.78 -13.49
N ARG C 39 6.31 12.54 -14.57
CA ARG C 39 6.95 13.85 -14.65
C ARG C 39 5.93 14.93 -14.32
N ILE C 40 6.34 15.86 -13.44
CA ILE C 40 5.54 17.06 -13.18
C ILE C 40 5.71 17.98 -14.39
N ALA C 41 4.67 18.09 -15.19
CA ALA C 41 4.69 18.99 -16.35
C ALA C 41 4.11 20.36 -16.02
N ALA C 42 3.27 20.46 -15.00
CA ALA C 42 2.73 21.75 -14.59
C ALA C 42 2.29 21.65 -13.14
N MET C 43 2.37 22.76 -12.42
CA MET C 43 1.93 22.79 -11.03
C MET C 43 1.68 24.24 -10.66
N LYS C 44 0.54 24.52 -10.02
CA LYS C 44 0.16 25.88 -9.63
C LYS C 44 -0.78 25.80 -8.45
N LEU C 45 -0.50 26.55 -7.38
CA LEU C 45 -1.46 26.74 -6.32
C LEU C 45 -2.36 27.92 -6.67
N THR C 46 -3.67 27.72 -6.53
CA THR C 46 -4.62 28.81 -6.69
C THR C 46 -5.71 28.65 -5.65
N ILE C 47 -6.67 29.57 -5.63
CA ILE C 47 -7.89 29.39 -4.86
C ILE C 47 -9.02 29.25 -5.88
N ALA C 48 -9.68 28.09 -5.86
CA ALA C 48 -10.79 27.84 -6.77
C ALA C 48 -11.97 28.72 -6.40
N THR C 49 -12.63 29.26 -7.41
CA THR C 49 -13.78 30.14 -7.25
C THR C 49 -15.00 29.52 -7.89
N PRO C 50 -16.20 29.94 -7.51
CA PRO C 50 -17.40 29.38 -8.14
C PRO C 50 -17.40 29.43 -9.65
N ALA C 51 -16.95 30.52 -10.28
CA ALA C 51 -17.05 30.60 -11.73
C ALA C 51 -16.18 29.55 -12.42
N ILE C 52 -14.97 29.33 -11.93
CA ILE C 52 -14.14 28.31 -12.57
C ILE C 52 -14.65 26.92 -12.24
N LEU C 53 -15.16 26.73 -11.02
CA LEU C 53 -15.69 25.42 -10.62
C LEU C 53 -16.93 25.06 -11.41
N GLU C 54 -17.78 26.03 -11.73
CA GLU C 54 -18.95 25.74 -12.55
C GLU C 54 -18.52 25.23 -13.94
N GLU C 55 -17.43 25.77 -14.48
CA GLU C 55 -16.91 25.25 -15.75
C GLU C 55 -16.32 23.85 -15.58
N HIS C 56 -15.51 23.67 -14.54
CA HIS C 56 -14.91 22.37 -14.27
C HIS C 56 -15.97 21.29 -14.18
N TYR C 57 -17.06 21.58 -13.48
CA TYR C 57 -18.16 20.63 -13.26
C TYR C 57 -19.33 20.91 -14.18
N ALA C 58 -19.07 21.37 -15.40
CA ALA C 58 -20.15 21.73 -16.30
C ALA C 58 -21.13 20.59 -16.53
N GLU C 59 -20.62 19.35 -16.52
CA GLU C 59 -21.50 18.21 -16.77
C GLU C 59 -22.56 18.05 -15.68
N HIS C 60 -22.39 18.70 -14.53
CA HIS C 60 -23.31 18.55 -13.42
C HIS C 60 -24.21 19.76 -13.21
N LYS C 61 -24.21 20.71 -14.13
CA LYS C 61 -25.05 21.89 -14.01
C LYS C 61 -26.48 21.51 -13.70
N GLY C 62 -27.03 22.15 -12.66
CA GLY C 62 -28.42 21.96 -12.29
C GLY C 62 -28.72 20.79 -11.38
N LYS C 63 -27.76 19.92 -11.12
CA LYS C 63 -28.00 18.78 -10.26
C LYS C 63 -28.02 19.21 -8.80
N PRO C 64 -28.82 18.55 -7.96
CA PRO C 64 -29.01 19.07 -6.59
C PRO C 64 -27.73 19.11 -5.76
N PHE C 65 -26.77 18.21 -6.03
CA PHE C 65 -25.55 18.19 -5.24
C PHE C 65 -24.57 19.29 -5.62
N LEU C 66 -24.79 19.98 -6.73
CA LEU C 66 -23.74 20.84 -7.24
C LEU C 66 -23.43 22.04 -6.34
N PRO C 67 -24.43 22.75 -5.80
CA PRO C 67 -24.10 23.88 -4.92
C PRO C 67 -23.20 23.49 -3.75
N GLY C 68 -23.48 22.38 -3.08
CA GLY C 68 -22.65 21.96 -1.97
C GLY C 68 -21.28 21.49 -2.40
N LEU C 69 -21.19 20.86 -3.57
CA LEU C 69 -19.91 20.51 -4.15
C LEU C 69 -19.07 21.76 -4.40
N ILE C 70 -19.67 22.78 -5.01
CA ILE C 70 -18.90 23.99 -5.27
C ILE C 70 -18.45 24.64 -3.96
N GLU C 71 -19.30 24.60 -2.94
CA GLU C 71 -18.92 25.15 -1.64
C GLU C 71 -17.71 24.42 -1.06
N LYS C 72 -17.74 23.08 -1.12
CA LYS C 72 -16.61 22.31 -0.58
C LYS C 72 -15.33 22.59 -1.34
N MET C 73 -15.43 22.85 -2.64
CA MET C 73 -14.28 23.06 -3.50
C MET C 73 -13.82 24.50 -3.55
N THR C 74 -14.55 25.43 -2.94
CA THR C 74 -14.15 26.85 -2.92
C THR C 74 -13.10 27.02 -1.83
N GLY C 75 -11.84 27.05 -2.24
CA GLY C 75 -10.73 27.07 -1.33
C GLY C 75 -9.45 26.84 -2.10
N PRO C 76 -8.32 26.77 -1.40
CA PRO C 76 -7.05 26.49 -2.07
C PRO C 76 -7.06 25.12 -2.72
N VAL C 77 -6.47 25.05 -3.90
CA VAL C 77 -6.29 23.79 -4.63
C VAL C 77 -4.91 23.83 -5.27
N LEU C 78 -4.33 22.65 -5.48
CA LEU C 78 -3.08 22.52 -6.21
C LEU C 78 -3.40 21.89 -7.57
N CYS C 79 -3.28 22.69 -8.61
CA CYS C 79 -3.44 22.24 -9.99
C CYS C 79 -2.16 21.57 -10.44
N MET C 80 -2.27 20.40 -11.07
CA MET C 80 -1.10 19.65 -11.49
C MET C 80 -1.34 18.97 -12.84
N VAL C 81 -0.26 18.85 -13.63
CA VAL C 81 -0.26 17.98 -14.79
C VAL C 81 0.88 17.00 -14.63
N PHE C 82 0.56 15.71 -14.68
CA PHE C 82 1.57 14.65 -14.66
C PHE C 82 1.59 13.93 -15.99
N GLU C 83 2.80 13.51 -16.39
CA GLU C 83 3.03 12.82 -17.65
C GLU C 83 3.60 11.43 -17.40
N GLY C 84 3.09 10.46 -18.14
CA GLY C 84 3.62 9.12 -18.07
C GLY C 84 2.85 8.22 -19.01
N VAL C 85 3.32 6.97 -19.11
CA VAL C 85 2.62 5.97 -19.91
C VAL C 85 1.25 5.70 -19.30
N ASP C 86 0.20 5.82 -20.12
CA ASP C 86 -1.15 5.45 -19.67
C ASP C 86 -1.54 6.23 -18.41
N VAL C 87 -1.04 7.45 -18.24
CA VAL C 87 -1.14 8.10 -16.94
C VAL C 87 -2.57 8.50 -16.61
N ILE C 88 -3.42 8.74 -17.60
CA ILE C 88 -4.81 9.10 -17.30
C ILE C 88 -5.49 7.94 -16.54
N ALA C 89 -5.47 6.74 -17.12
CA ALA C 89 -6.08 5.59 -16.45
C ALA C 89 -5.32 5.20 -15.18
N GLN C 90 -4.00 5.30 -15.21
CA GLN C 90 -3.23 4.89 -14.04
C GLN C 90 -3.46 5.81 -12.87
N ALA C 91 -3.54 7.13 -13.12
CA ALA C 91 -3.81 8.04 -12.01
C ALA C 91 -5.19 7.77 -11.41
N ARG C 92 -6.18 7.43 -12.25
CA ARG C 92 -7.50 7.10 -11.69
C ARG C 92 -7.39 5.86 -10.81
N LYS C 93 -6.62 4.87 -11.26
CA LYS C 93 -6.44 3.67 -10.46
C LYS C 93 -5.76 3.98 -9.13
N MET C 94 -4.77 4.88 -9.15
CA MET C 94 -4.05 5.25 -7.94
C MET C 94 -4.91 6.06 -6.98
N MET C 95 -5.81 6.90 -7.51
CA MET C 95 -6.72 7.62 -6.64
C MET C 95 -7.70 6.67 -5.96
N GLY C 96 -8.14 5.65 -6.70
CA GLY C 96 -9.17 4.75 -6.23
C GLY C 96 -10.57 5.28 -6.47
N SER C 97 -11.55 4.44 -6.09
CA SER C 97 -12.95 4.76 -6.29
C SER C 97 -13.30 6.12 -5.70
N THR C 98 -14.27 6.79 -6.33
CA THR C 98 -14.82 8.05 -5.83
C THR C 98 -15.19 7.95 -4.36
N ARG C 99 -15.86 6.86 -3.99
CA ARG C 99 -16.25 6.62 -2.62
C ARG C 99 -15.10 5.92 -1.90
N PRO C 100 -14.45 6.56 -0.94
CA PRO C 100 -13.29 5.94 -0.29
C PRO C 100 -13.56 4.58 0.30
N GLY C 101 -14.77 4.34 0.81
CA GLY C 101 -15.10 3.05 1.38
C GLY C 101 -15.07 1.91 0.39
N GLU C 102 -15.18 2.21 -0.90
CA GLU C 102 -15.13 1.22 -1.97
C GLU C 102 -13.76 1.13 -2.62
N ALA C 103 -12.87 2.07 -2.33
CA ALA C 103 -11.57 2.13 -2.97
C ALA C 103 -10.66 1.04 -2.44
N ALA C 104 -9.73 0.60 -3.29
CA ALA C 104 -8.88 -0.52 -2.98
C ALA C 104 -7.80 -0.12 -1.98
N PRO C 105 -7.41 -1.04 -1.10
CA PRO C 105 -6.27 -0.74 -0.21
C PRO C 105 -5.08 -0.28 -1.05
N GLY C 106 -4.35 0.72 -0.54
CA GLY C 106 -3.20 1.23 -1.25
C GLY C 106 -3.49 2.39 -2.17
N THR C 107 -4.76 2.70 -2.40
CA THR C 107 -5.08 3.88 -3.19
C THR C 107 -5.15 5.11 -2.29
N ILE C 108 -5.08 6.28 -2.92
CA ILE C 108 -5.09 7.53 -2.14
C ILE C 108 -6.37 7.62 -1.32
N ARG C 109 -7.51 7.39 -1.97
CA ARG C 109 -8.76 7.61 -1.28
C ARG C 109 -8.98 6.60 -0.17
N ALA C 110 -8.58 5.33 -0.37
CA ALA C 110 -8.70 4.36 0.70
C ALA C 110 -7.76 4.66 1.85
N ASP C 111 -6.56 5.18 1.55
CA ASP C 111 -5.55 5.37 2.57
C ASP C 111 -5.79 6.63 3.40
N PHE C 112 -6.47 7.64 2.85
CA PHE C 112 -6.60 8.94 3.48
C PHE C 112 -8.03 9.36 3.83
N CYS C 113 -9.06 8.77 3.24
CA CYS C 113 -10.38 9.40 3.26
C CYS C 113 -11.50 8.47 3.72
N GLN C 114 -12.67 9.08 3.96
CA GLN C 114 -13.86 8.39 4.43
C GLN C 114 -15.05 8.53 3.50
N GLN C 115 -15.27 9.71 2.92
CA GLN C 115 -16.49 10.00 2.17
C GLN C 115 -16.17 10.70 0.84
N ALA C 116 -17.05 10.47 -0.14
CA ALA C 116 -16.84 10.99 -1.49
C ALA C 116 -16.75 12.52 -1.52
N GLY C 117 -17.53 13.20 -0.69
CA GLY C 117 -17.48 14.66 -0.70
C GLY C 117 -16.19 15.26 -0.18
N ARG C 118 -15.34 14.45 0.48
CA ARG C 118 -14.02 14.89 0.93
C ARG C 118 -13.04 13.78 0.56
N ASN C 119 -12.76 13.66 -0.73
CA ASN C 119 -11.95 12.57 -1.24
C ASN C 119 -10.61 13.04 -1.84
N LEU C 120 -10.13 14.20 -1.38
CA LEU C 120 -8.75 14.64 -1.44
C LEU C 120 -8.26 15.17 -2.79
N ILE C 121 -8.70 14.58 -3.88
CA ILE C 121 -8.02 14.75 -5.15
C ILE C 121 -9.01 14.51 -6.28
N HIS C 122 -8.81 15.21 -7.39
CA HIS C 122 -9.52 15.02 -8.64
C HIS C 122 -8.51 14.58 -9.71
N GLY C 123 -8.93 13.65 -10.57
CA GLY C 123 -8.15 13.34 -11.75
C GLY C 123 -9.06 13.17 -12.96
N SER C 124 -8.52 13.54 -14.13
CA SER C 124 -9.28 13.46 -15.36
C SER C 124 -9.76 12.03 -15.60
N ASP C 125 -10.98 11.90 -16.11
CA ASP C 125 -11.56 10.58 -16.36
C ASP C 125 -11.30 10.05 -17.77
N SER C 126 -10.72 10.85 -18.66
CA SER C 126 -10.55 10.44 -20.05
C SER C 126 -9.61 11.40 -20.74
N ALA C 127 -9.16 11.01 -21.95
CA ALA C 127 -8.32 11.89 -22.74
C ALA C 127 -9.05 13.20 -23.05
N GLU C 128 -10.33 13.11 -23.41
CA GLU C 128 -11.10 14.31 -23.72
C GLU C 128 -11.20 15.22 -22.51
N SER C 129 -11.46 14.65 -21.33
CA SER C 129 -11.58 15.48 -20.13
CA SER C 129 -11.57 15.46 -20.12
C SER C 129 -10.23 16.04 -19.71
N ALA C 130 -9.15 15.27 -19.87
CA ALA C 130 -7.83 15.80 -19.56
C ALA C 130 -7.52 17.03 -20.41
N LYS C 131 -7.79 16.97 -21.72
CA LYS C 131 -7.54 18.11 -22.59
C LYS C 131 -8.34 19.32 -22.13
N ARG C 132 -9.61 19.10 -21.81
CA ARG C 132 -10.47 20.21 -21.41
C ARG C 132 -10.06 20.80 -20.06
N GLU C 133 -9.73 19.94 -19.09
CA GLU C 133 -9.38 20.41 -17.77
C GLU C 133 -8.02 21.11 -17.76
N ILE C 134 -7.04 20.58 -18.48
CA ILE C 134 -5.76 21.27 -18.59
C ILE C 134 -5.96 22.66 -19.19
N SER C 135 -6.81 22.78 -20.20
CA SER C 135 -7.02 24.07 -20.83
C SER C 135 -7.76 25.03 -19.91
N LEU C 136 -8.61 24.50 -19.03
CA LEU C 136 -9.37 25.36 -18.12
C LEU C 136 -8.49 25.92 -17.03
N TRP C 137 -7.64 25.08 -16.42
CA TRP C 137 -6.93 25.49 -15.22
C TRP C 137 -5.53 26.02 -15.48
N PHE C 138 -4.95 25.73 -16.64
CA PHE C 138 -3.62 26.19 -16.99
C PHE C 138 -3.66 26.98 -18.29
N LYS C 139 -2.78 27.93 -18.41
CA LYS C 139 -2.47 28.47 -19.72
C LYS C 139 -1.55 27.47 -20.43
N PRO C 140 -1.64 27.36 -21.75
CA PRO C 140 -0.80 26.37 -22.45
C PRO C 140 0.66 26.48 -22.08
N GLU C 141 1.09 27.69 -21.73
CA GLU C 141 2.49 28.01 -21.50
C GLU C 141 2.94 27.71 -20.09
N GLU C 142 2.02 27.40 -19.18
CA GLU C 142 2.38 26.88 -17.87
C GLU C 142 2.74 25.41 -17.92
N ILE C 143 2.57 24.77 -19.07
CA ILE C 143 2.99 23.38 -19.27
C ILE C 143 4.46 23.40 -19.70
N GLN C 144 5.30 22.73 -18.93
CA GLN C 144 6.75 22.82 -19.12
C GLN C 144 7.28 21.56 -19.79
N SER C 145 8.17 21.74 -20.76
CA SER C 145 8.77 20.62 -21.48
CA SER C 145 8.78 20.62 -21.49
C SER C 145 10.20 20.41 -20.99
N TYR C 146 10.47 19.23 -20.42
CA TYR C 146 11.80 18.79 -20.05
C TYR C 146 11.76 17.26 -19.95
N LYS C 147 12.94 16.64 -19.92
CA LYS C 147 13.08 15.19 -19.91
C LYS C 147 13.65 14.71 -18.58
N LEU C 148 13.04 13.66 -18.02
CA LEU C 148 13.58 13.06 -16.79
C LEU C 148 14.89 12.35 -17.06
N ALA C 149 15.90 12.64 -16.22
CA ALA C 149 17.21 12.05 -16.40
C ALA C 149 17.22 10.53 -16.22
N LEU C 150 16.27 9.97 -15.46
CA LEU C 150 16.17 8.53 -15.28
C LEU C 150 15.31 7.84 -16.34
N SER C 151 15.00 8.51 -17.46
CA SER C 151 14.13 7.95 -18.48
CA SER C 151 14.13 7.94 -18.48
C SER C 151 14.56 6.55 -18.92
N ASP C 152 15.86 6.31 -19.06
CA ASP C 152 16.30 5.01 -19.58
C ASP C 152 15.95 3.86 -18.64
N TYR C 153 15.68 4.15 -17.37
CA TYR C 153 15.36 3.15 -16.36
C TYR C 153 13.89 3.16 -15.98
N ILE C 154 13.11 4.08 -16.54
CA ILE C 154 11.67 4.15 -16.32
C ILE C 154 10.91 3.55 -17.50
N PHE C 155 11.37 3.86 -18.72
CA PHE C 155 10.67 3.49 -19.94
C PHE C 155 11.41 2.35 -20.61
N GLU C 156 10.66 1.38 -21.13
CA GLU C 156 11.25 0.24 -21.81
C GLU C 156 11.70 0.70 -23.21
P AMP D . 11.94 -11.44 -15.29
O1P AMP D . 12.55 -12.67 -14.69
O2P AMP D . 12.87 -10.63 -16.16
O3P AMP D . 11.19 -10.61 -14.29
O5' AMP D . 10.83 -11.99 -16.34
C5' AMP D . 9.77 -12.76 -15.80
C4' AMP D . 9.08 -13.44 -16.95
O4' AMP D . 8.38 -12.47 -17.78
C3' AMP D . 10.06 -14.15 -17.89
O3' AMP D . 10.41 -15.44 -17.44
C2' AMP D . 9.24 -14.15 -19.18
O2' AMP D . 8.27 -15.17 -19.14
C1' AMP D . 8.50 -12.81 -19.17
N9 AMP D . 9.25 -11.79 -19.95
C8 AMP D . 10.28 -11.04 -19.50
N7 AMP D . 10.72 -10.20 -20.47
C5 AMP D . 9.96 -10.42 -21.57
C6 AMP D . 9.90 -9.85 -22.94
N6 AMP D . 10.76 -8.89 -23.34
N1 AMP D . 8.95 -10.35 -23.77
C2 AMP D . 8.09 -11.32 -23.39
N3 AMP D . 8.10 -11.87 -22.16
C4 AMP D . 8.99 -11.46 -21.22
P AMP E . 2.07 -11.84 -17.39
O1P AMP E . 1.10 -11.07 -16.50
O2P AMP E . 1.43 -12.97 -18.15
O3P AMP E . 3.37 -12.28 -16.73
O5' AMP E . 2.54 -10.81 -18.54
C5' AMP E . 1.62 -9.98 -19.22
C4' AMP E . 2.09 -9.82 -20.64
O4' AMP E . 3.26 -8.97 -20.70
C3' AMP E . 2.49 -11.16 -21.28
O3' AMP E . 1.80 -11.36 -22.50
C2' AMP E . 4.00 -11.07 -21.56
O2' AMP E . 4.35 -11.66 -22.79
C1' AMP E . 4.28 -9.56 -21.54
N9 AMP E . 5.64 -9.18 -21.08
C8 AMP E . 6.37 -9.78 -20.12
N7 AMP E . 7.58 -9.16 -20.00
C5 AMP E . 7.63 -8.17 -20.90
C6 AMP E . 8.61 -7.14 -21.30
N6 AMP E . 9.82 -7.05 -20.68
N1 AMP E . 8.27 -6.29 -22.29
C2 AMP E . 7.07 -6.35 -22.91
N3 AMP E . 6.14 -7.26 -22.60
C4 AMP E . 6.35 -8.18 -21.63
P AMP F . -9.00 -12.70 16.59
O1P AMP F . -10.06 -11.96 17.36
O2P AMP F . -7.99 -13.45 17.45
O3P AMP F . -8.37 -11.92 15.45
O5' AMP F . -9.82 -13.89 15.87
C5' AMP F . -10.76 -13.52 14.88
C4' AMP F . -11.49 -14.77 14.47
O4' AMP F . -10.63 -15.67 13.75
C3' AMP F . -12.02 -15.55 15.69
O3' AMP F . -13.28 -15.07 16.11
C2' AMP F . -12.05 -16.98 15.13
O2' AMP F . -13.28 -17.21 14.46
C1' AMP F . -10.90 -17.03 14.11
N9 AMP F . -9.70 -17.67 14.72
C8 AMP F . -8.69 -17.05 15.36
N7 AMP F . -7.77 -17.96 15.79
C5 AMP F . -8.19 -19.17 15.40
C6 AMP F . -7.71 -20.57 15.53
N6 AMP F . -6.54 -20.85 16.17
N1 AMP F . -8.45 -21.55 14.98
C2 AMP F . -9.62 -21.31 14.35
N3 AMP F . -10.12 -20.06 14.21
C4 AMP F . -9.47 -18.99 14.70
P AMP G . -14.47 15.51 -8.66
O1P AMP G . -14.14 16.25 -9.92
O2P AMP G . -15.09 16.36 -7.56
O3P AMP G . -13.44 14.51 -8.19
O5' AMP G . -15.71 14.60 -9.12
C5' AMP G . -15.49 13.51 -9.99
C4' AMP G . -16.84 12.92 -10.29
O4' AMP G . -17.47 12.35 -9.13
C3' AMP G . -17.80 13.99 -10.85
O3' AMP G . -17.55 14.16 -12.23
C2' AMP G . -19.15 13.39 -10.45
O2' AMP G . -19.63 12.50 -11.45
C1' AMP G . -18.89 12.60 -9.17
N9 AMP G . -19.27 13.36 -7.95
C8 AMP G . -18.43 14.02 -7.14
N7 AMP G . -19.11 14.59 -6.12
C5 AMP G . -20.41 14.29 -6.26
C6 AMP G . -21.67 14.57 -5.52
N6 AMP G . -21.66 15.32 -4.39
N1 AMP G . -22.81 14.06 -6.02
C2 AMP G . -22.84 13.31 -7.14
N3 AMP G . -21.74 13.02 -7.86
C4 AMP G . -20.52 13.46 -7.47
#